data_2YWH
#
_entry.id   2YWH
#
_cell.length_a   81.676
_cell.length_b   116.118
_cell.length_c   122.721
_cell.angle_alpha   90.00
_cell.angle_beta   90.00
_cell.angle_gamma   90.00
#
_symmetry.space_group_name_H-M   'C 2 2 21'
#
loop_
_entity.id
_entity.type
_entity.pdbx_description
1 polymer 'GTP-binding protein LepA'
2 non-polymer 'MAGNESIUM ION'
3 non-polymer "GUANOSINE-5'-DIPHOSPHATE"
4 water water
#
_entity_poly.entity_id   1
_entity_poly.type   'polypeptide(L)'
_entity_poly.pdbx_seq_one_letter_code
;MEQKNVRNFCIIAHVDHGKSTLADRLLEYTGAISEREKREQLLDTLDVERERGITVKMQAVRMFYKAKDGNTYKLHLIDT
PGHVDFSYEVSRALAACEGALLLIDASQGIEAQTVANFWKAVEQDLVIIPVINKIDLPSADVDRVKKQIEEVLGLDPEEA
ILASAKEGIGIEEILEAIVNRIPPPKGDPQKPLKALIFDSYYDPYRGAVAFVRIFDGEVKPGDKIMLMSTGKEYEVTEVG
AQTPKMTKFDKLSAGDVGYIAASIKDVRDIRIGDTITHAKNPTKEPVPGFQPAKPMVYAGIYPAEDTTYEELRDALEKYA
INDAAIVYEPESSPALGMGFRVGFLGLLHMEIVQERLEREYGVKIITTAPNVIYRVKKKFTDEVIEVRNPMDFPDNAGLI
EYVEEPFVLVTIITPKEYVGPIIQLCQEKRGIQKNMTYLDPNTVYLEYEMPLSEIIVDFHDKIKSISRGFASYDYEFIGY
RPSDLIKLTVLINKKPVDALSFIVHADRAQKFARRVAEKLRETIPRQLFEVHIQVAKGGKVIASERIKPLRANVTAKCYG
GDVTRKKKLLENQKEGKKRMKQFGKVQLPQEAFLSVLKVE
;
_entity_poly.pdbx_strand_id   A
#
loop_
_chem_comp.id
_chem_comp.type
_chem_comp.name
_chem_comp.formula
GDP RNA linking GUANOSINE-5'-DIPHOSPHATE 'C10 H15 N5 O11 P2'
MG non-polymer 'MAGNESIUM ION' 'Mg 2'
#
# COMPACT_ATOMS: atom_id res chain seq x y z
N MET A 1 -31.16 10.24 -11.90
CA MET A 1 -31.15 10.11 -13.38
C MET A 1 -30.93 8.67 -13.80
N GLU A 2 -30.54 8.49 -15.06
CA GLU A 2 -30.28 7.16 -15.61
C GLU A 2 -28.81 6.79 -15.55
N GLN A 3 -28.55 5.49 -15.42
CA GLN A 3 -27.18 4.97 -15.36
C GLN A 3 -26.41 5.31 -16.62
N LYS A 4 -27.12 5.35 -17.75
CA LYS A 4 -26.50 5.65 -19.02
C LYS A 4 -25.83 7.02 -18.98
N ASN A 5 -26.21 7.84 -18.00
CA ASN A 5 -25.62 9.16 -17.85
C ASN A 5 -24.66 9.24 -16.66
N VAL A 6 -24.26 8.07 -16.17
CA VAL A 6 -23.33 7.99 -15.05
C VAL A 6 -21.94 7.59 -15.51
N ARG A 7 -20.93 8.16 -14.87
CA ARG A 7 -19.55 7.83 -15.19
C ARG A 7 -18.75 7.59 -13.90
N ASN A 8 -18.25 6.36 -13.75
CA ASN A 8 -17.46 5.97 -12.57
C ASN A 8 -16.00 5.82 -12.97
N PHE A 9 -15.16 6.72 -12.47
CA PHE A 9 -13.74 6.72 -12.79
C PHE A 9 -12.82 6.98 -11.60
N CYS A 10 -11.54 6.74 -11.82
CA CYS A 10 -10.53 6.99 -10.81
C CYS A 10 -9.31 7.56 -11.50
N ILE A 11 -8.34 8.00 -10.71
CA ILE A 11 -7.11 8.54 -11.23
C ILE A 11 -6.01 7.63 -10.73
N ILE A 12 -5.10 7.26 -11.62
CA ILE A 12 -4.00 6.40 -11.25
C ILE A 12 -2.72 7.00 -11.80
N ALA A 13 -1.80 7.31 -10.91
CA ALA A 13 -0.54 7.90 -11.34
C ALA A 13 0.59 7.58 -10.37
N HIS A 14 1.80 7.57 -10.91
CA HIS A 14 2.99 7.35 -10.10
C HIS A 14 3.00 8.58 -9.18
N VAL A 15 3.39 8.39 -7.93
CA VAL A 15 3.40 9.50 -6.97
C VAL A 15 4.21 10.71 -7.45
N ASP A 16 3.61 11.90 -7.29
CA ASP A 16 4.19 13.20 -7.69
C ASP A 16 3.76 13.69 -9.08
N HIS A 17 3.12 12.82 -9.86
CA HIS A 17 2.73 13.22 -11.22
C HIS A 17 1.55 14.19 -11.32
N GLY A 18 0.83 14.39 -10.22
CA GLY A 18 -0.29 15.32 -10.24
C GLY A 18 -1.69 14.80 -10.02
N LYS A 19 -1.82 13.65 -9.35
CA LYS A 19 -3.14 13.08 -9.10
C LYS A 19 -4.02 14.01 -8.27
N SER A 20 -3.53 14.41 -7.11
CA SER A 20 -4.27 15.31 -6.22
C SER A 20 -4.60 16.63 -6.91
N THR A 21 -3.57 17.25 -7.48
CA THR A 21 -3.76 18.51 -8.16
C THR A 21 -4.92 18.43 -9.15
N LEU A 22 -4.95 17.35 -9.93
CA LEU A 22 -5.99 17.16 -10.94
C LEU A 22 -7.39 16.94 -10.38
N ALA A 23 -7.50 16.26 -9.25
CA ALA A 23 -8.80 16.01 -8.66
C ALA A 23 -9.44 17.34 -8.27
N ASP A 24 -8.61 18.30 -7.90
CA ASP A 24 -9.09 19.62 -7.51
C ASP A 24 -9.67 20.35 -8.71
N ARG A 25 -8.89 20.45 -9.78
CA ARG A 25 -9.34 21.14 -10.98
C ARG A 25 -10.66 20.52 -11.43
N LEU A 26 -10.76 19.20 -11.39
CA LEU A 26 -11.97 18.50 -11.81
C LEU A 26 -13.17 18.88 -10.94
N LEU A 27 -12.96 18.86 -9.62
CA LEU A 27 -14.02 19.23 -8.69
C LEU A 27 -14.32 20.71 -8.81
N GLU A 28 -13.27 21.52 -8.88
CA GLU A 28 -13.41 22.96 -9.02
C GLU A 28 -14.18 23.29 -10.30
N TYR A 29 -13.73 22.71 -11.41
CA TYR A 29 -14.36 22.92 -12.69
C TYR A 29 -15.86 22.57 -12.66
N THR A 30 -16.17 21.37 -12.19
CA THR A 30 -17.56 20.91 -12.11
C THR A 30 -18.36 21.64 -11.03
N GLY A 31 -17.77 21.78 -9.85
CA GLY A 31 -18.43 22.46 -8.75
C GLY A 31 -19.07 23.76 -9.22
N ALA A 32 -18.22 24.72 -9.60
CA ALA A 32 -18.69 26.02 -10.07
C ALA A 32 -18.36 26.20 -11.55
N VAL A 56 -13.16 14.24 7.00
CA VAL A 56 -13.19 12.96 6.29
C VAL A 56 -12.37 13.04 4.99
N LYS A 57 -11.59 12.00 4.73
CA LYS A 57 -10.76 11.94 3.52
C LYS A 57 -11.62 12.06 2.27
N MET A 58 -11.01 12.51 1.18
CA MET A 58 -11.73 12.64 -0.09
C MET A 58 -11.96 11.27 -0.72
N GLN A 59 -13.22 10.93 -0.92
CA GLN A 59 -13.58 9.65 -1.52
C GLN A 59 -15.03 9.64 -1.96
N ALA A 60 -15.35 8.76 -2.90
CA ALA A 60 -16.72 8.63 -3.42
C ALA A 60 -17.29 10.02 -3.65
N VAL A 61 -16.55 10.82 -4.40
CA VAL A 61 -16.93 12.18 -4.75
C VAL A 61 -17.88 12.21 -5.94
N ARG A 62 -19.07 12.77 -5.73
CA ARG A 62 -20.06 12.87 -6.80
C ARG A 62 -20.03 14.26 -7.44
N MET A 63 -19.97 14.28 -8.76
CA MET A 63 -19.94 15.53 -9.51
C MET A 63 -20.99 15.48 -10.62
N PHE A 64 -21.38 16.68 -11.05
CA PHE A 64 -22.34 16.84 -12.13
C PHE A 64 -21.66 17.64 -13.22
N TYR A 65 -21.75 17.15 -14.45
CA TYR A 65 -21.11 17.82 -15.57
C TYR A 65 -21.98 17.91 -16.80
N LYS A 66 -22.24 19.14 -17.24
CA LYS A 66 -23.04 19.37 -18.43
C LYS A 66 -22.03 19.27 -19.57
N ALA A 67 -22.14 18.22 -20.37
CA ALA A 67 -21.21 18.03 -21.47
C ALA A 67 -21.57 18.93 -22.64
N LYS A 68 -20.78 18.84 -23.71
CA LYS A 68 -21.01 19.63 -24.89
C LYS A 68 -22.17 19.08 -25.71
N ASP A 69 -22.52 17.83 -25.45
CA ASP A 69 -23.63 17.19 -26.18
C ASP A 69 -24.95 17.65 -25.57
N GLY A 70 -24.85 18.55 -24.58
CA GLY A 70 -26.03 19.08 -23.95
C GLY A 70 -26.45 18.40 -22.65
N ASN A 71 -26.22 17.10 -22.57
CA ASN A 71 -26.60 16.35 -21.37
C ASN A 71 -25.71 16.59 -20.16
N THR A 72 -26.30 16.43 -18.98
CA THR A 72 -25.58 16.57 -17.73
C THR A 72 -25.32 15.15 -17.22
N TYR A 73 -24.10 14.91 -16.78
CA TYR A 73 -23.73 13.59 -16.31
C TYR A 73 -23.35 13.56 -14.84
N LYS A 74 -23.61 12.43 -14.20
CA LYS A 74 -23.27 12.25 -12.79
C LYS A 74 -21.96 11.47 -12.75
N LEU A 75 -20.88 12.16 -12.40
CA LEU A 75 -19.55 11.55 -12.34
C LEU A 75 -19.15 11.19 -10.92
N HIS A 76 -18.48 10.06 -10.77
CA HIS A 76 -18.01 9.61 -9.45
C HIS A 76 -16.52 9.40 -9.48
N LEU A 77 -15.82 10.21 -8.69
CA LEU A 77 -14.38 10.13 -8.59
C LEU A 77 -14.04 9.23 -7.42
N ILE A 78 -13.40 8.11 -7.71
CA ILE A 78 -13.00 7.18 -6.67
C ILE A 78 -11.51 7.38 -6.46
N ASP A 79 -11.16 7.78 -5.25
CA ASP A 79 -9.76 8.00 -4.90
C ASP A 79 -9.08 6.66 -4.66
N THR A 80 -7.87 6.50 -5.20
CA THR A 80 -7.11 5.26 -5.08
C THR A 80 -5.76 5.47 -4.38
N PRO A 81 -5.29 4.46 -3.64
CA PRO A 81 -4.01 4.54 -2.94
C PRO A 81 -2.90 4.60 -4.00
N GLY A 82 -1.73 5.10 -3.63
CA GLY A 82 -0.65 5.20 -4.57
C GLY A 82 0.58 4.34 -4.28
N HIS A 83 0.59 3.64 -3.14
CA HIS A 83 1.74 2.83 -2.77
C HIS A 83 1.51 1.32 -2.87
N VAL A 84 2.54 0.60 -3.30
CA VAL A 84 2.48 -0.85 -3.44
C VAL A 84 1.93 -1.53 -2.18
N ASP A 85 2.14 -0.93 -1.02
CA ASP A 85 1.64 -1.51 0.24
C ASP A 85 0.13 -1.69 0.21
N PHE A 86 -0.57 -0.82 -0.52
CA PHE A 86 -2.01 -0.85 -0.58
C PHE A 86 -2.54 -1.41 -1.92
N SER A 87 -1.74 -2.29 -2.50
CA SER A 87 -2.06 -2.92 -3.77
C SER A 87 -3.45 -3.57 -3.82
N TYR A 88 -3.78 -4.36 -2.81
CA TYR A 88 -5.09 -5.01 -2.78
C TYR A 88 -6.19 -3.97 -2.87
N GLU A 89 -6.09 -2.96 -2.01
CA GLU A 89 -7.05 -1.88 -1.93
C GLU A 89 -7.15 -1.13 -3.24
N VAL A 90 -6.03 -0.99 -3.94
CA VAL A 90 -6.03 -0.33 -5.22
C VAL A 90 -6.86 -1.16 -6.21
N SER A 91 -6.69 -2.48 -6.18
CA SER A 91 -7.42 -3.34 -7.10
C SER A 91 -8.92 -3.27 -6.82
N ARG A 92 -9.28 -3.19 -5.55
CA ARG A 92 -10.69 -3.09 -5.18
C ARG A 92 -11.30 -1.79 -5.68
N ALA A 93 -10.52 -0.70 -5.64
CA ALA A 93 -11.03 0.60 -6.11
C ALA A 93 -11.21 0.58 -7.63
N LEU A 94 -10.27 -0.05 -8.32
CA LEU A 94 -10.39 -0.15 -9.77
C LEU A 94 -11.63 -0.98 -10.12
N ALA A 95 -11.91 -2.03 -9.35
CA ALA A 95 -13.06 -2.88 -9.61
C ALA A 95 -14.39 -2.11 -9.49
N ALA A 96 -14.34 -0.97 -8.83
CA ALA A 96 -15.54 -0.14 -8.62
C ALA A 96 -15.77 0.88 -9.74
N CYS A 97 -14.81 1.03 -10.64
CA CYS A 97 -14.92 1.99 -11.75
C CYS A 97 -15.10 1.34 -13.13
N GLU A 98 -15.42 2.16 -14.12
CA GLU A 98 -15.58 1.68 -15.50
C GLU A 98 -14.36 2.13 -16.29
N GLY A 99 -13.71 3.16 -15.77
CA GLY A 99 -12.52 3.68 -16.42
C GLY A 99 -11.55 4.32 -15.47
N ALA A 100 -10.42 4.74 -16.01
CA ALA A 100 -9.39 5.37 -15.20
C ALA A 100 -8.61 6.40 -16.01
N LEU A 101 -8.18 7.44 -15.34
CA LEU A 101 -7.35 8.47 -15.96
C LEU A 101 -5.91 8.09 -15.63
N LEU A 102 -5.13 7.70 -16.63
CA LEU A 102 -3.75 7.34 -16.38
C LEU A 102 -2.88 8.59 -16.52
N LEU A 103 -2.64 9.24 -15.40
CA LEU A 103 -1.85 10.46 -15.32
C LEU A 103 -0.33 10.22 -15.41
N ILE A 104 0.32 10.83 -16.40
CA ILE A 104 1.76 10.68 -16.56
C ILE A 104 2.44 12.05 -16.58
N ASP A 105 3.55 12.19 -15.86
CA ASP A 105 4.29 13.45 -15.80
C ASP A 105 5.14 13.61 -17.07
N ALA A 106 4.86 14.65 -17.86
CA ALA A 106 5.58 14.91 -19.10
C ALA A 106 7.09 15.08 -18.91
N SER A 107 7.50 15.49 -17.72
CA SER A 107 8.91 15.69 -17.44
C SER A 107 9.57 14.40 -16.95
N GLN A 108 8.73 13.44 -16.56
CA GLN A 108 9.22 12.17 -16.03
C GLN A 108 9.02 10.98 -16.96
N GLY A 109 7.85 10.92 -17.59
CA GLY A 109 7.53 9.80 -18.45
C GLY A 109 6.98 8.67 -17.58
N ILE A 110 6.90 7.48 -18.14
CA ILE A 110 6.40 6.34 -17.40
C ILE A 110 7.34 5.91 -16.28
N GLU A 111 6.78 5.62 -15.11
CA GLU A 111 7.58 5.15 -14.01
C GLU A 111 7.04 3.80 -13.50
N ALA A 112 7.69 3.24 -12.49
CA ALA A 112 7.30 1.94 -11.93
C ALA A 112 5.82 1.78 -11.61
N GLN A 113 5.28 2.68 -10.79
CA GLN A 113 3.87 2.60 -10.41
C GLN A 113 2.96 2.82 -11.63
N THR A 114 3.41 3.60 -12.59
CA THR A 114 2.61 3.88 -13.79
C THR A 114 2.27 2.58 -14.52
N VAL A 115 3.29 1.77 -14.73
CA VAL A 115 3.14 0.49 -15.42
C VAL A 115 2.33 -0.50 -14.61
N ALA A 116 2.66 -0.63 -13.33
CA ALA A 116 1.97 -1.56 -12.45
C ALA A 116 0.48 -1.22 -12.36
N ASN A 117 0.17 0.05 -12.18
CA ASN A 117 -1.23 0.45 -12.09
C ASN A 117 -1.96 0.26 -13.40
N PHE A 118 -1.27 0.53 -14.50
CA PHE A 118 -1.86 0.36 -15.81
C PHE A 118 -2.41 -1.06 -15.96
N TRP A 119 -1.55 -2.05 -15.68
CA TRP A 119 -1.90 -3.45 -15.79
C TRP A 119 -2.97 -3.90 -14.81
N LYS A 120 -3.03 -3.26 -13.66
CA LYS A 120 -4.07 -3.60 -12.71
C LYS A 120 -5.38 -3.10 -13.31
N ALA A 121 -5.34 -1.92 -13.94
CA ALA A 121 -6.54 -1.36 -14.55
C ALA A 121 -6.92 -2.26 -15.74
N VAL A 122 -5.93 -2.66 -16.54
CA VAL A 122 -6.19 -3.53 -17.68
C VAL A 122 -6.89 -4.80 -17.20
N GLU A 123 -6.38 -5.39 -16.12
CA GLU A 123 -6.95 -6.61 -15.55
C GLU A 123 -8.42 -6.47 -15.13
N GLN A 124 -8.81 -5.26 -14.75
CA GLN A 124 -10.17 -5.00 -14.32
C GLN A 124 -11.04 -4.51 -15.49
N ASP A 125 -10.50 -4.66 -16.70
CA ASP A 125 -11.20 -4.25 -17.91
C ASP A 125 -11.67 -2.79 -17.88
N LEU A 126 -10.81 -1.89 -17.44
CA LEU A 126 -11.21 -0.47 -17.41
C LEU A 126 -10.80 0.27 -18.66
N VAL A 127 -11.60 1.25 -19.06
CA VAL A 127 -11.24 2.06 -20.21
C VAL A 127 -10.19 2.96 -19.58
N ILE A 128 -9.03 3.05 -20.23
CA ILE A 128 -7.93 3.85 -19.71
C ILE A 128 -7.70 5.10 -20.55
N ILE A 129 -7.76 6.24 -19.89
CA ILE A 129 -7.57 7.52 -20.56
C ILE A 129 -6.23 8.12 -20.10
N PRO A 130 -5.23 8.09 -20.98
CA PRO A 130 -3.93 8.64 -20.62
C PRO A 130 -3.93 10.16 -20.70
N VAL A 131 -3.39 10.80 -19.66
CA VAL A 131 -3.33 12.24 -19.67
C VAL A 131 -1.90 12.61 -19.27
N ILE A 132 -1.24 13.37 -20.13
CA ILE A 132 0.12 13.79 -19.90
C ILE A 132 0.05 15.12 -19.16
N ASN A 133 0.48 15.11 -17.92
CA ASN A 133 0.44 16.29 -17.08
C ASN A 133 1.76 17.07 -17.03
N LYS A 134 1.69 18.29 -16.51
CA LYS A 134 2.85 19.17 -16.37
C LYS A 134 3.49 19.57 -17.69
N ILE A 135 2.68 19.73 -18.74
CA ILE A 135 3.20 20.10 -20.05
C ILE A 135 3.71 21.54 -20.04
N ASP A 136 3.44 22.24 -18.95
CA ASP A 136 3.87 23.62 -18.78
C ASP A 136 5.33 23.70 -18.37
N LEU A 137 5.86 22.60 -17.82
CA LEU A 137 7.24 22.57 -17.39
C LEU A 137 8.24 22.58 -18.54
N PRO A 138 9.37 23.30 -18.36
CA PRO A 138 10.44 23.42 -19.36
C PRO A 138 11.04 22.06 -19.70
N SER A 139 10.95 21.12 -18.78
CA SER A 139 11.49 19.78 -18.98
C SER A 139 10.50 18.83 -19.64
N ALA A 140 9.26 19.26 -19.77
CA ALA A 140 8.21 18.43 -20.37
C ALA A 140 8.61 17.98 -21.78
N ASP A 141 8.28 16.73 -22.08
CA ASP A 141 8.59 16.14 -23.39
C ASP A 141 7.45 15.21 -23.81
N VAL A 142 6.33 15.80 -24.20
CA VAL A 142 5.15 15.07 -24.62
C VAL A 142 5.39 14.04 -25.73
N ASP A 143 6.22 14.39 -26.69
CA ASP A 143 6.49 13.47 -27.79
C ASP A 143 7.09 12.17 -27.23
N ARG A 144 8.01 12.32 -26.29
CA ARG A 144 8.65 11.16 -25.69
C ARG A 144 7.57 10.30 -25.02
N VAL A 145 6.89 10.88 -24.04
CA VAL A 145 5.84 10.19 -23.31
C VAL A 145 4.86 9.51 -24.27
N LYS A 146 4.47 10.20 -25.35
CA LYS A 146 3.55 9.61 -26.31
C LYS A 146 4.18 8.35 -26.88
N LYS A 147 5.46 8.43 -27.21
CA LYS A 147 6.17 7.29 -27.73
C LYS A 147 6.17 6.14 -26.72
N GLN A 148 6.32 6.47 -25.44
CA GLN A 148 6.32 5.43 -24.39
C GLN A 148 4.95 4.80 -24.32
N ILE A 149 3.91 5.63 -24.28
CA ILE A 149 2.53 5.15 -24.20
C ILE A 149 2.25 4.10 -25.27
N GLU A 150 2.57 4.45 -26.51
CA GLU A 150 2.33 3.54 -27.63
C GLU A 150 3.20 2.30 -27.62
N GLU A 151 4.48 2.47 -27.31
CA GLU A 151 5.39 1.35 -27.32
C GLU A 151 5.33 0.44 -26.10
N VAL A 152 5.25 1.05 -24.92
CA VAL A 152 5.22 0.30 -23.67
C VAL A 152 3.81 -0.12 -23.25
N LEU A 153 2.87 0.82 -23.31
CA LEU A 153 1.50 0.53 -22.92
C LEU A 153 0.64 -0.03 -24.06
N GLY A 154 1.03 0.25 -25.30
CA GLY A 154 0.27 -0.22 -26.43
C GLY A 154 -0.99 0.59 -26.64
N LEU A 155 -0.97 1.85 -26.23
CA LEU A 155 -2.13 2.73 -26.38
C LEU A 155 -1.92 3.70 -27.54
N ASP A 156 -3.03 4.22 -28.06
CA ASP A 156 -3.01 5.17 -29.17
C ASP A 156 -2.56 6.53 -28.64
N PRO A 157 -1.32 6.94 -28.94
CA PRO A 157 -0.84 8.24 -28.45
C PRO A 157 -1.86 9.33 -28.70
N GLU A 158 -2.70 9.12 -29.70
CA GLU A 158 -3.73 10.08 -30.06
C GLU A 158 -4.78 10.25 -28.97
N GLU A 159 -5.03 9.18 -28.23
CA GLU A 159 -6.01 9.20 -27.16
C GLU A 159 -5.52 10.09 -26.02
N ALA A 160 -4.20 10.23 -25.92
CA ALA A 160 -3.59 11.02 -24.85
C ALA A 160 -4.10 12.46 -24.78
N ILE A 161 -4.45 12.89 -23.58
CA ILE A 161 -4.93 14.25 -23.36
C ILE A 161 -3.80 15.05 -22.71
N LEU A 162 -3.32 16.07 -23.41
CA LEU A 162 -2.24 16.92 -22.89
C LEU A 162 -2.89 17.85 -21.88
N ALA A 163 -2.22 18.08 -20.76
CA ALA A 163 -2.81 18.96 -19.76
C ALA A 163 -1.84 19.52 -18.73
N SER A 164 -2.37 20.43 -17.93
CA SER A 164 -1.63 21.08 -16.87
C SER A 164 -2.63 21.31 -15.76
N ALA A 165 -2.59 20.47 -14.74
CA ALA A 165 -3.50 20.59 -13.61
C ALA A 165 -3.13 21.81 -12.78
N LYS A 166 -1.90 22.29 -12.98
CA LYS A 166 -1.42 23.46 -12.25
C LYS A 166 -2.02 24.73 -12.86
N GLU A 167 -2.45 24.63 -14.10
CA GLU A 167 -3.03 25.77 -14.82
C GLU A 167 -4.35 25.47 -15.50
N GLY A 168 -5.15 24.60 -14.89
CA GLY A 168 -6.45 24.26 -15.46
C GLY A 168 -6.49 24.01 -16.95
N ILE A 169 -5.36 23.74 -17.56
CA ILE A 169 -5.32 23.49 -19.00
C ILE A 169 -5.70 22.03 -19.27
N GLY A 170 -6.73 21.85 -20.08
CA GLY A 170 -7.17 20.50 -20.43
C GLY A 170 -8.19 19.85 -19.52
N ILE A 171 -8.68 20.57 -18.52
CA ILE A 171 -9.67 20.00 -17.60
C ILE A 171 -10.94 19.55 -18.33
N GLU A 172 -11.58 20.49 -19.03
CA GLU A 172 -12.80 20.21 -19.77
C GLU A 172 -12.57 19.08 -20.76
N GLU A 173 -11.37 19.06 -21.34
CA GLU A 173 -11.03 18.03 -22.31
C GLU A 173 -11.04 16.66 -21.60
N ILE A 174 -10.70 16.65 -20.32
CA ILE A 174 -10.69 15.43 -19.53
C ILE A 174 -12.11 14.97 -19.31
N LEU A 175 -12.94 15.88 -18.81
CA LEU A 175 -14.33 15.61 -18.52
C LEU A 175 -15.08 15.09 -19.74
N GLU A 176 -14.68 15.54 -20.93
CA GLU A 176 -15.33 15.11 -22.17
C GLU A 176 -14.89 13.69 -22.50
N ALA A 177 -13.60 13.43 -22.34
CA ALA A 177 -13.05 12.10 -22.59
C ALA A 177 -13.77 11.09 -21.71
N ILE A 178 -13.99 11.48 -20.45
CA ILE A 178 -14.67 10.63 -19.47
C ILE A 178 -16.11 10.33 -19.88
N VAL A 179 -16.83 11.35 -20.32
CA VAL A 179 -18.21 11.15 -20.74
C VAL A 179 -18.25 10.35 -22.04
N ASN A 180 -17.40 10.73 -22.99
CA ASN A 180 -17.37 10.06 -24.29
C ASN A 180 -16.66 8.71 -24.37
N ARG A 181 -15.60 8.52 -23.57
CA ARG A 181 -14.85 7.28 -23.63
C ARG A 181 -15.21 6.20 -22.61
N ILE A 182 -15.47 6.59 -21.37
CA ILE A 182 -15.81 5.62 -20.34
C ILE A 182 -17.27 5.20 -20.44
N PRO A 183 -17.53 3.89 -20.50
CA PRO A 183 -18.90 3.37 -20.59
C PRO A 183 -19.68 3.59 -19.30
N PRO A 184 -21.02 3.69 -19.39
CA PRO A 184 -21.83 3.90 -18.19
C PRO A 184 -21.97 2.60 -17.40
N PRO A 185 -22.24 2.70 -16.10
CA PRO A 185 -22.37 1.48 -15.32
C PRO A 185 -23.48 0.58 -15.85
N LYS A 186 -23.30 -0.72 -15.70
CA LYS A 186 -24.27 -1.69 -16.18
C LYS A 186 -24.74 -2.54 -15.00
N GLY A 187 -25.95 -2.28 -14.55
CA GLY A 187 -26.49 -3.04 -13.43
C GLY A 187 -27.98 -2.84 -13.40
N ASP A 188 -28.67 -3.70 -12.65
CA ASP A 188 -30.13 -3.63 -12.55
C ASP A 188 -30.56 -3.26 -11.14
N PRO A 189 -31.17 -2.08 -10.96
CA PRO A 189 -31.62 -1.64 -9.64
C PRO A 189 -32.76 -2.48 -9.07
N GLN A 190 -33.38 -3.30 -9.90
CA GLN A 190 -34.47 -4.14 -9.43
C GLN A 190 -33.95 -5.48 -8.93
N LYS A 191 -32.73 -5.82 -9.30
CA LYS A 191 -32.13 -7.07 -8.86
C LYS A 191 -31.69 -6.95 -7.41
N PRO A 192 -31.33 -8.09 -6.78
CA PRO A 192 -30.88 -8.10 -5.38
C PRO A 192 -29.67 -7.18 -5.23
N LEU A 193 -29.62 -6.44 -4.13
CA LEU A 193 -28.52 -5.54 -3.87
C LEU A 193 -27.18 -6.27 -4.01
N LYS A 194 -26.19 -5.56 -4.53
CA LYS A 194 -24.86 -6.10 -4.69
C LYS A 194 -23.94 -4.88 -4.79
N ALA A 195 -23.38 -4.50 -3.63
CA ALA A 195 -22.50 -3.34 -3.51
C ALA A 195 -21.11 -3.74 -3.07
N LEU A 196 -20.09 -3.27 -3.79
CA LEU A 196 -18.72 -3.58 -3.47
C LEU A 196 -18.11 -2.58 -2.49
N ILE A 197 -17.50 -3.07 -1.43
CA ILE A 197 -16.84 -2.16 -0.50
C ILE A 197 -15.42 -1.94 -1.05
N PHE A 198 -15.07 -0.69 -1.35
CA PHE A 198 -13.73 -0.41 -1.84
C PHE A 198 -12.92 0.49 -0.89
N ASP A 199 -13.59 1.04 0.12
CA ASP A 199 -12.86 1.87 1.09
C ASP A 199 -13.72 1.98 2.34
N SER A 200 -13.21 2.66 3.37
CA SER A 200 -13.95 2.83 4.63
C SER A 200 -13.16 3.69 5.59
N TYR A 201 -13.79 4.08 6.68
CA TYR A 201 -13.15 4.87 7.71
C TYR A 201 -14.08 4.83 8.91
N TYR A 202 -13.58 5.25 10.07
CA TYR A 202 -14.41 5.25 11.26
C TYR A 202 -14.92 6.65 11.56
N ASP A 203 -16.24 6.77 11.61
CA ASP A 203 -16.90 8.03 11.91
C ASP A 203 -17.37 7.96 13.36
N PRO A 204 -16.76 8.76 14.23
CA PRO A 204 -17.13 8.78 15.66
C PRO A 204 -18.62 8.89 15.89
N TYR A 205 -19.32 9.49 14.94
CA TYR A 205 -20.76 9.67 15.06
C TYR A 205 -21.56 8.68 14.22
N ARG A 206 -21.10 8.40 13.00
CA ARG A 206 -21.80 7.45 12.15
C ARG A 206 -21.31 6.00 12.28
N GLY A 207 -20.21 5.80 13.01
CA GLY A 207 -19.66 4.46 13.18
C GLY A 207 -18.77 4.09 12.01
N ALA A 208 -18.52 2.80 11.83
CA ALA A 208 -17.68 2.33 10.73
C ALA A 208 -18.42 2.62 9.43
N VAL A 209 -17.80 3.40 8.55
CA VAL A 209 -18.46 3.75 7.31
C VAL A 209 -17.83 3.09 6.07
N ALA A 210 -18.69 2.53 5.23
CA ALA A 210 -18.25 1.85 4.02
C ALA A 210 -18.47 2.66 2.74
N PHE A 211 -17.40 2.87 1.99
CA PHE A 211 -17.52 3.55 0.72
C PHE A 211 -17.80 2.41 -0.26
N VAL A 212 -18.91 2.52 -0.99
CA VAL A 212 -19.30 1.44 -1.88
C VAL A 212 -19.66 1.81 -3.31
N ARG A 213 -19.65 0.78 -4.14
CA ARG A 213 -20.05 0.91 -5.52
C ARG A 213 -21.27 -0.01 -5.60
N ILE A 214 -22.39 0.52 -6.08
CA ILE A 214 -23.61 -0.28 -6.20
C ILE A 214 -23.63 -0.89 -7.60
N PHE A 215 -23.60 -2.22 -7.69
CA PHE A 215 -23.67 -2.88 -8.99
C PHE A 215 -25.15 -3.15 -9.28
N ASP A 216 -25.81 -3.93 -8.41
CA ASP A 216 -27.23 -4.26 -8.54
C ASP A 216 -28.06 -3.71 -7.37
N GLY A 217 -29.35 -3.51 -7.63
CA GLY A 217 -30.28 -3.05 -6.61
C GLY A 217 -30.17 -1.63 -6.09
N GLU A 218 -30.76 -1.42 -4.93
CA GLU A 218 -30.74 -0.10 -4.29
C GLU A 218 -30.67 -0.33 -2.80
N VAL A 219 -30.25 0.70 -2.09
CA VAL A 219 -30.13 0.60 -0.66
C VAL A 219 -30.54 1.93 -0.08
N LYS A 220 -31.22 1.89 1.07
CA LYS A 220 -31.71 3.11 1.69
C LYS A 220 -31.81 2.91 3.20
N PRO A 221 -31.76 4.02 3.96
CA PRO A 221 -31.86 3.92 5.42
C PRO A 221 -33.02 3.02 5.83
N GLY A 222 -32.82 2.21 6.85
CA GLY A 222 -33.87 1.32 7.31
C GLY A 222 -33.72 -0.07 6.75
N ASP A 223 -33.02 -0.21 5.63
CA ASP A 223 -32.83 -1.54 5.05
C ASP A 223 -31.91 -2.35 5.94
N LYS A 224 -32.11 -3.66 5.93
CA LYS A 224 -31.27 -4.55 6.70
C LYS A 224 -30.32 -5.22 5.72
N ILE A 225 -29.05 -4.83 5.79
CA ILE A 225 -28.02 -5.39 4.91
C ILE A 225 -27.29 -6.58 5.52
N MET A 226 -26.42 -7.18 4.72
CA MET A 226 -25.66 -8.35 5.16
C MET A 226 -24.29 -8.35 4.47
N LEU A 227 -23.26 -8.64 5.23
CA LEU A 227 -21.90 -8.71 4.69
C LEU A 227 -21.69 -10.17 4.29
N MET A 228 -21.48 -10.39 3.00
CA MET A 228 -21.34 -11.75 2.48
C MET A 228 -20.16 -12.59 2.96
N SER A 229 -19.04 -11.95 3.33
CA SER A 229 -17.90 -12.75 3.81
C SER A 229 -18.16 -13.24 5.23
N THR A 230 -18.98 -12.51 5.98
CA THR A 230 -19.26 -12.88 7.38
C THR A 230 -20.68 -13.32 7.66
N GLY A 231 -21.63 -12.87 6.85
CA GLY A 231 -23.02 -13.23 7.11
C GLY A 231 -23.55 -12.45 8.31
N LYS A 232 -22.89 -11.34 8.62
CA LYS A 232 -23.27 -10.46 9.72
C LYS A 232 -24.30 -9.48 9.15
N GLU A 233 -25.33 -9.14 9.92
CA GLU A 233 -26.37 -8.24 9.44
C GLU A 233 -26.47 -6.95 10.20
N TYR A 234 -26.90 -5.90 9.51
CA TYR A 234 -27.03 -4.57 10.11
C TYR A 234 -28.23 -3.85 9.52
N GLU A 235 -28.58 -2.72 10.11
CA GLU A 235 -29.69 -1.92 9.61
C GLU A 235 -29.13 -0.58 9.18
N VAL A 236 -29.27 -0.25 7.91
CA VAL A 236 -28.74 0.99 7.38
C VAL A 236 -29.30 2.20 8.11
N THR A 237 -28.42 3.11 8.48
CA THR A 237 -28.84 4.31 9.18
C THR A 237 -28.76 5.50 8.25
N GLU A 238 -27.85 5.43 7.28
CA GLU A 238 -27.66 6.56 6.39
C GLU A 238 -26.88 6.16 5.12
N VAL A 239 -27.19 6.82 4.01
CA VAL A 239 -26.54 6.58 2.73
C VAL A 239 -26.36 7.93 2.02
N GLY A 240 -25.35 8.04 1.17
CA GLY A 240 -25.10 9.29 0.47
C GLY A 240 -23.74 9.33 -0.18
N ALA A 241 -23.18 10.53 -0.33
CA ALA A 241 -21.87 10.67 -0.95
C ALA A 241 -21.23 12.02 -0.62
N GLN A 242 -19.94 12.14 -0.94
CA GLN A 242 -19.21 13.37 -0.70
C GLN A 242 -19.48 14.30 -1.87
N THR A 243 -19.86 15.55 -1.59
CA THR A 243 -20.21 16.47 -2.66
C THR A 243 -19.57 17.86 -2.65
N PRO A 244 -18.34 17.99 -2.14
CA PRO A 244 -17.42 17.03 -1.54
C PRO A 244 -17.70 16.74 -0.07
N LYS A 245 -18.60 17.51 0.53
CA LYS A 245 -18.93 17.32 1.93
C LYS A 245 -19.80 16.06 2.02
N MET A 246 -19.72 15.38 3.15
CA MET A 246 -20.50 14.17 3.37
C MET A 246 -21.99 14.49 3.31
N THR A 247 -22.60 14.24 2.16
CA THR A 247 -24.01 14.53 1.99
C THR A 247 -24.84 13.25 2.00
N LYS A 248 -25.90 13.22 2.81
CA LYS A 248 -26.74 12.03 2.85
C LYS A 248 -27.85 12.17 1.82
N PHE A 249 -28.11 11.09 1.08
CA PHE A 249 -29.19 11.09 0.09
C PHE A 249 -30.24 10.19 0.71
N ASP A 250 -31.34 9.94 0.00
CA ASP A 250 -32.34 9.06 0.57
C ASP A 250 -32.15 7.65 0.03
N LYS A 251 -31.16 7.50 -0.86
CA LYS A 251 -30.85 6.19 -1.43
C LYS A 251 -29.64 6.20 -2.37
N LEU A 252 -29.21 5.00 -2.75
CA LEU A 252 -28.10 4.79 -3.66
C LEU A 252 -28.63 3.67 -4.55
N SER A 253 -28.53 3.84 -5.87
CA SER A 253 -29.05 2.84 -6.81
C SER A 253 -27.97 2.34 -7.72
N ALA A 254 -28.21 1.17 -8.31
CA ALA A 254 -27.27 0.54 -9.23
C ALA A 254 -26.53 1.56 -10.06
N GLY A 255 -25.20 1.45 -10.06
CA GLY A 255 -24.37 2.36 -10.82
C GLY A 255 -23.78 3.47 -9.98
N ASP A 256 -24.44 3.80 -8.87
CA ASP A 256 -23.99 4.87 -7.97
C ASP A 256 -22.76 4.51 -7.14
N VAL A 257 -22.14 5.57 -6.61
CA VAL A 257 -20.99 5.42 -5.73
C VAL A 257 -21.23 6.35 -4.54
N GLY A 258 -21.10 5.82 -3.34
CA GLY A 258 -21.30 6.63 -2.16
C GLY A 258 -20.81 5.97 -0.89
N TYR A 259 -21.58 6.11 0.18
CA TYR A 259 -21.23 5.53 1.46
C TYR A 259 -22.47 4.99 2.14
N ILE A 260 -22.26 4.13 3.12
CA ILE A 260 -23.34 3.51 3.86
C ILE A 260 -22.94 3.48 5.34
N ALA A 261 -23.90 3.75 6.21
CA ALA A 261 -23.67 3.72 7.66
C ALA A 261 -24.74 2.78 8.15
N ALA A 262 -24.47 2.02 9.21
CA ALA A 262 -25.45 1.07 9.71
C ALA A 262 -25.14 0.63 11.13
N SER A 263 -24.64 1.56 11.93
CA SER A 263 -24.30 1.26 13.32
C SER A 263 -23.31 0.09 13.37
N ILE A 264 -22.27 0.17 12.56
CA ILE A 264 -21.25 -0.88 12.52
C ILE A 264 -20.14 -0.56 13.50
N LYS A 265 -19.83 -1.52 14.36
CA LYS A 265 -18.80 -1.36 15.38
C LYS A 265 -17.44 -0.86 14.90
N ASP A 266 -16.83 -1.57 13.95
CA ASP A 266 -15.54 -1.11 13.45
C ASP A 266 -15.24 -1.52 12.01
N VAL A 267 -14.22 -0.88 11.45
CA VAL A 267 -13.82 -1.09 10.08
C VAL A 267 -13.48 -2.54 9.70
N ARG A 268 -13.22 -3.39 10.68
CA ARG A 268 -12.90 -4.78 10.38
C ARG A 268 -14.17 -5.59 10.13
N ASP A 269 -15.32 -4.93 10.28
CA ASP A 269 -16.62 -5.56 10.03
C ASP A 269 -17.01 -5.32 8.56
N ILE A 270 -16.44 -4.27 7.98
CA ILE A 270 -16.71 -3.90 6.59
C ILE A 270 -15.40 -3.90 5.81
N ARG A 271 -14.77 -5.06 5.77
CA ARG A 271 -13.51 -5.21 5.08
C ARG A 271 -13.58 -4.90 3.58
N ILE A 272 -12.53 -4.26 3.09
CA ILE A 272 -12.46 -3.89 1.69
C ILE A 272 -12.51 -5.13 0.80
N GLY A 273 -13.20 -5.00 -0.32
CA GLY A 273 -13.32 -6.11 -1.23
C GLY A 273 -14.55 -6.97 -0.93
N ASP A 274 -15.16 -6.74 0.24
CA ASP A 274 -16.35 -7.50 0.64
C ASP A 274 -17.59 -6.99 -0.10
N THR A 275 -18.67 -7.78 -0.03
CA THR A 275 -19.90 -7.39 -0.70
C THR A 275 -21.04 -7.14 0.27
N ILE A 276 -21.82 -6.09 -0.01
CA ILE A 276 -22.97 -5.78 0.82
C ILE A 276 -24.21 -6.08 0.00
N THR A 277 -25.10 -6.90 0.55
CA THR A 277 -26.35 -7.27 -0.12
C THR A 277 -27.46 -7.13 0.90
N HIS A 278 -28.67 -7.57 0.54
CA HIS A 278 -29.81 -7.50 1.45
C HIS A 278 -29.89 -8.80 2.24
N ALA A 279 -30.22 -8.67 3.53
CA ALA A 279 -30.35 -9.81 4.42
C ALA A 279 -31.51 -10.73 4.00
N LYS A 280 -32.63 -10.12 3.63
CA LYS A 280 -33.86 -10.82 3.22
C LYS A 280 -33.77 -11.44 1.83
N ASN A 281 -33.39 -10.63 0.86
CA ASN A 281 -33.26 -11.09 -0.53
C ASN A 281 -31.84 -10.85 -1.02
N PRO A 282 -30.90 -11.72 -0.60
CA PRO A 282 -29.48 -11.61 -0.97
C PRO A 282 -29.16 -11.94 -2.42
N THR A 283 -28.19 -11.21 -2.97
CA THR A 283 -27.74 -11.42 -4.34
C THR A 283 -27.18 -12.85 -4.43
N LYS A 284 -27.12 -13.41 -5.64
CA LYS A 284 -26.63 -14.78 -5.81
C LYS A 284 -25.18 -15.05 -5.42
N GLU A 285 -24.29 -14.15 -5.82
CA GLU A 285 -22.88 -14.30 -5.53
C GLU A 285 -22.26 -12.96 -5.17
N PRO A 286 -21.20 -12.99 -4.36
CA PRO A 286 -20.57 -11.72 -4.00
C PRO A 286 -19.65 -11.28 -5.13
N VAL A 287 -19.22 -10.03 -5.08
CA VAL A 287 -18.29 -9.50 -6.07
C VAL A 287 -17.02 -10.33 -5.83
N PRO A 288 -16.39 -10.82 -6.89
CA PRO A 288 -15.16 -11.63 -6.78
C PRO A 288 -13.92 -10.86 -6.35
N GLY A 289 -12.95 -11.56 -5.79
CA GLY A 289 -11.71 -10.94 -5.40
C GLY A 289 -11.52 -10.55 -3.95
N PHE A 290 -12.41 -11.00 -3.06
CA PHE A 290 -12.28 -10.67 -1.65
C PHE A 290 -11.08 -11.35 -0.99
N GLN A 291 -10.33 -10.57 -0.21
CA GLN A 291 -9.16 -11.06 0.50
C GLN A 291 -9.03 -10.30 1.81
N PRO A 292 -8.83 -11.01 2.92
CA PRO A 292 -8.69 -10.30 4.19
C PRO A 292 -7.30 -9.60 4.17
N ALA A 293 -7.13 -8.57 5.01
CA ALA A 293 -5.87 -7.85 5.06
C ALA A 293 -4.74 -8.82 5.39
N LYS A 294 -3.59 -8.65 4.74
CA LYS A 294 -2.46 -9.54 5.00
C LYS A 294 -1.16 -8.81 5.35
N PRO A 295 -0.86 -8.68 6.65
CA PRO A 295 0.38 -8.00 7.08
C PRO A 295 1.57 -8.77 6.50
N MET A 296 2.58 -8.04 6.02
CA MET A 296 3.77 -8.64 5.41
C MET A 296 5.05 -8.34 6.17
N VAL A 297 5.09 -7.17 6.82
CA VAL A 297 6.27 -6.73 7.53
C VAL A 297 5.94 -6.39 8.99
N TYR A 298 6.71 -6.97 9.90
CA TYR A 298 6.52 -6.74 11.33
C TYR A 298 7.70 -6.02 11.97
N ALA A 299 7.46 -5.45 13.15
CA ALA A 299 8.48 -4.76 13.89
C ALA A 299 8.03 -4.55 15.33
N GLY A 300 8.99 -4.43 16.23
CA GLY A 300 8.66 -4.20 17.62
C GLY A 300 8.62 -2.70 17.82
N ILE A 301 7.56 -2.20 18.43
CA ILE A 301 7.41 -0.78 18.73
C ILE A 301 7.45 -0.69 20.25
N TYR A 302 8.39 0.09 20.76
CA TYR A 302 8.58 0.25 22.20
C TYR A 302 8.49 1.72 22.63
N PRO A 303 7.99 1.98 23.84
CA PRO A 303 7.88 3.37 24.31
C PRO A 303 9.29 3.96 24.46
N ALA A 304 9.43 5.24 24.09
CA ALA A 304 10.72 5.91 24.18
C ALA A 304 10.65 7.10 25.16
N GLU A 305 11.74 7.86 25.25
CA GLU A 305 11.84 9.01 26.13
C GLU A 305 11.03 8.82 27.41
N ASP A 306 10.06 9.69 27.62
CA ASP A 306 9.20 9.66 28.79
C ASP A 306 7.93 8.83 28.57
N THR A 307 7.54 8.67 27.31
CA THR A 307 6.33 7.91 26.98
C THR A 307 6.35 6.54 27.67
N THR A 308 5.20 6.12 28.20
CA THR A 308 5.12 4.84 28.88
C THR A 308 4.42 3.77 28.03
N TYR A 309 4.37 2.56 28.57
CA TYR A 309 3.73 1.43 27.90
C TYR A 309 2.27 1.75 27.69
N GLU A 310 1.57 2.09 28.77
CA GLU A 310 0.15 2.42 28.70
C GLU A 310 -0.16 3.47 27.63
N GLU A 311 0.61 4.55 27.62
CA GLU A 311 0.40 5.60 26.63
C GLU A 311 0.58 5.06 25.22
N LEU A 312 1.51 4.13 25.07
CA LEU A 312 1.77 3.51 23.77
C LEU A 312 0.62 2.60 23.43
N ARG A 313 0.22 1.75 24.38
CA ARG A 313 -0.87 0.83 24.17
C ARG A 313 -2.13 1.62 23.83
N ASP A 314 -2.48 2.58 24.69
CA ASP A 314 -3.66 3.41 24.48
C ASP A 314 -3.68 4.10 23.12
N ALA A 315 -2.52 4.59 22.69
CA ALA A 315 -2.41 5.26 21.41
C ALA A 315 -2.67 4.29 20.25
N LEU A 316 -2.18 3.06 20.39
CA LEU A 316 -2.34 2.04 19.36
C LEU A 316 -3.80 1.61 19.20
N GLU A 317 -4.51 1.52 20.32
CA GLU A 317 -5.91 1.14 20.33
C GLU A 317 -6.72 2.19 19.58
N LYS A 318 -6.36 3.46 19.78
CA LYS A 318 -7.06 4.56 19.13
C LYS A 318 -6.76 4.63 17.64
N TYR A 319 -5.50 4.43 17.28
CA TYR A 319 -5.12 4.46 15.87
C TYR A 319 -5.78 3.30 15.12
N ALA A 320 -5.76 2.12 15.74
CA ALA A 320 -6.32 0.89 15.16
C ALA A 320 -7.76 1.04 14.69
N ILE A 321 -8.52 1.89 15.36
CA ILE A 321 -9.92 2.13 15.03
C ILE A 321 -10.10 2.58 13.58
N ASN A 322 -9.11 3.31 13.07
CA ASN A 322 -9.15 3.84 11.72
C ASN A 322 -8.25 3.06 10.75
N ASP A 323 -7.77 1.89 11.18
CA ASP A 323 -6.88 1.09 10.34
C ASP A 323 -7.25 -0.38 10.47
N ALA A 324 -7.91 -0.92 9.45
CA ALA A 324 -8.36 -2.30 9.46
C ALA A 324 -7.28 -3.36 9.18
N ALA A 325 -6.09 -2.93 8.73
CA ALA A 325 -5.02 -3.86 8.40
C ALA A 325 -4.02 -4.15 9.52
N ILE A 326 -3.69 -3.14 10.31
CA ILE A 326 -2.72 -3.28 11.40
C ILE A 326 -3.07 -4.33 12.46
N VAL A 327 -2.05 -5.05 12.93
CA VAL A 327 -2.23 -6.05 13.99
C VAL A 327 -1.11 -5.80 14.99
N TYR A 328 -1.31 -6.21 16.23
CA TYR A 328 -0.25 -6.01 17.22
C TYR A 328 -0.53 -6.84 18.45
N GLU A 329 0.53 -7.13 19.20
CA GLU A 329 0.41 -7.93 20.41
C GLU A 329 1.54 -7.55 21.36
N PRO A 330 1.28 -7.63 22.67
CA PRO A 330 2.28 -7.29 23.70
C PRO A 330 3.56 -8.09 23.52
N GLU A 331 4.68 -7.40 23.68
CA GLU A 331 5.99 -8.02 23.53
C GLU A 331 6.97 -7.38 24.51
N SER A 332 7.86 -8.18 25.05
CA SER A 332 8.85 -7.67 26.00
C SER A 332 10.25 -8.18 25.66
N SER A 333 11.25 -7.34 25.91
CA SER A 333 12.64 -7.67 25.65
C SER A 333 13.39 -7.30 26.93
N PRO A 334 14.53 -7.95 27.19
CA PRO A 334 15.30 -7.65 28.41
C PRO A 334 15.64 -6.17 28.59
N ALA A 335 16.33 -5.60 27.59
CA ALA A 335 16.75 -4.22 27.66
C ALA A 335 15.66 -3.18 27.39
N LEU A 336 14.81 -3.45 26.41
CA LEU A 336 13.75 -2.52 26.04
C LEU A 336 12.49 -2.57 26.89
N GLY A 337 12.34 -3.63 27.68
CA GLY A 337 11.15 -3.74 28.51
C GLY A 337 9.94 -4.20 27.70
N MET A 338 8.78 -3.58 27.94
CA MET A 338 7.56 -3.94 27.24
C MET A 338 7.15 -3.02 26.12
N GLY A 339 6.82 -3.64 24.98
CA GLY A 339 6.42 -2.92 23.80
C GLY A 339 5.39 -3.74 23.03
N PHE A 340 5.36 -3.57 21.72
CA PHE A 340 4.42 -4.31 20.91
C PHE A 340 5.02 -4.84 19.62
N ARG A 341 4.61 -6.03 19.21
CA ARG A 341 5.07 -6.60 17.94
C ARG A 341 3.92 -6.21 17.00
N VAL A 342 4.20 -5.30 16.08
CA VAL A 342 3.18 -4.81 15.15
C VAL A 342 3.43 -5.28 13.74
N GLY A 343 2.34 -5.61 13.03
CA GLY A 343 2.43 -6.06 11.65
C GLY A 343 1.81 -5.05 10.72
N PHE A 344 2.55 -4.73 9.65
CA PHE A 344 2.12 -3.74 8.67
C PHE A 344 2.00 -4.34 7.28
N LEU A 345 1.32 -3.62 6.39
CA LEU A 345 1.14 -4.07 5.02
C LEU A 345 2.43 -3.86 4.24
N GLY A 346 3.35 -3.08 4.81
CA GLY A 346 4.62 -2.81 4.17
C GLY A 346 5.38 -1.69 4.86
N LEU A 347 6.47 -1.22 4.26
CA LEU A 347 7.28 -0.15 4.86
C LEU A 347 6.54 1.18 5.00
N LEU A 348 5.88 1.60 3.94
CA LEU A 348 5.14 2.86 3.98
C LEU A 348 4.08 2.81 5.05
N HIS A 349 3.35 1.70 5.08
CA HIS A 349 2.30 1.53 6.06
C HIS A 349 2.91 1.67 7.47
N MET A 350 4.11 1.14 7.66
CA MET A 350 4.76 1.25 8.96
C MET A 350 5.05 2.73 9.26
N GLU A 351 5.65 3.41 8.29
CA GLU A 351 5.98 4.82 8.40
C GLU A 351 4.74 5.63 8.79
N ILE A 352 3.67 5.46 8.00
CA ILE A 352 2.42 6.15 8.27
C ILE A 352 1.99 5.94 9.71
N VAL A 353 2.02 4.70 10.17
CA VAL A 353 1.63 4.41 11.54
C VAL A 353 2.55 5.12 12.54
N GLN A 354 3.86 5.08 12.28
CA GLN A 354 4.84 5.71 13.17
C GLN A 354 4.57 7.21 13.31
N GLU A 355 4.58 7.91 12.18
CA GLU A 355 4.36 9.34 12.18
C GLU A 355 3.05 9.72 12.86
N ARG A 356 1.98 9.00 12.57
CA ARG A 356 0.68 9.31 13.15
C ARG A 356 0.59 8.98 14.64
N LEU A 357 1.39 8.03 15.10
CA LEU A 357 1.37 7.64 16.50
C LEU A 357 2.01 8.72 17.37
N GLU A 358 3.06 9.33 16.84
CA GLU A 358 3.80 10.37 17.54
C GLU A 358 3.21 11.75 17.28
N ARG A 359 2.46 11.87 16.20
CA ARG A 359 1.87 13.15 15.81
C ARG A 359 0.40 13.30 16.15
N GLU A 360 -0.31 12.19 16.26
CA GLU A 360 -1.74 12.25 16.58
C GLU A 360 -1.95 12.04 18.07
N TYR A 361 -1.04 11.30 18.70
CA TYR A 361 -1.16 11.01 20.13
C TYR A 361 0.13 11.42 20.82
N GLY A 362 1.06 11.96 20.04
CA GLY A 362 2.31 12.43 20.57
C GLY A 362 3.05 11.49 21.51
N VAL A 363 3.25 10.25 21.09
CA VAL A 363 3.97 9.28 21.92
C VAL A 363 5.37 9.14 21.37
N LYS A 364 6.32 8.82 22.24
CA LYS A 364 7.70 8.63 21.81
C LYS A 364 7.95 7.13 21.71
N ILE A 365 8.39 6.68 20.53
CA ILE A 365 8.63 5.27 20.31
C ILE A 365 9.92 4.95 19.59
N ILE A 366 10.49 3.80 19.92
CA ILE A 366 11.68 3.33 19.24
C ILE A 366 11.14 2.12 18.49
N THR A 367 11.55 1.95 17.24
CA THR A 367 11.10 0.83 16.44
C THR A 367 12.27 -0.03 16.00
N THR A 368 12.13 -1.34 16.15
CA THR A 368 13.20 -2.24 15.77
C THR A 368 13.33 -2.30 14.26
N ALA A 369 14.33 -3.04 13.79
CA ALA A 369 14.50 -3.21 12.36
C ALA A 369 13.26 -4.03 12.03
N PRO A 370 12.69 -3.85 10.83
CA PRO A 370 11.50 -4.62 10.44
C PRO A 370 11.90 -6.04 10.01
N ASN A 371 10.93 -6.95 9.95
CA ASN A 371 11.19 -8.30 9.50
C ASN A 371 9.97 -8.88 8.76
N VAL A 372 10.21 -9.88 7.90
CA VAL A 372 9.14 -10.53 7.15
C VAL A 372 8.71 -11.73 7.96
N ILE A 373 7.64 -12.39 7.54
CA ILE A 373 7.13 -13.58 8.24
C ILE A 373 7.85 -14.77 7.63
N TYR A 374 8.51 -15.57 8.46
CA TYR A 374 9.23 -16.74 7.97
C TYR A 374 8.43 -17.99 8.28
N ARG A 375 8.54 -18.99 7.41
CA ARG A 375 7.87 -20.27 7.64
C ARG A 375 8.99 -21.21 8.08
N VAL A 376 8.87 -21.73 9.30
CA VAL A 376 9.90 -22.60 9.83
C VAL A 376 9.42 -24.02 10.16
N LYS A 377 10.13 -24.99 9.61
CA LYS A 377 9.81 -26.38 9.86
C LYS A 377 10.84 -26.95 10.83
N LYS A 378 10.42 -27.32 12.03
CA LYS A 378 11.36 -27.89 12.99
C LYS A 378 11.11 -29.38 13.14
N LYS A 379 12.19 -30.09 13.42
CA LYS A 379 12.20 -31.54 13.53
C LYS A 379 11.07 -32.27 14.24
N PHE A 380 10.61 -31.77 15.38
CA PHE A 380 9.57 -32.52 16.07
C PHE A 380 8.18 -31.89 16.08
N THR A 381 7.97 -30.92 15.20
CA THR A 381 6.68 -30.25 15.12
C THR A 381 6.13 -30.47 13.72
N ASP A 382 5.00 -31.17 13.63
CA ASP A 382 4.38 -31.48 12.33
C ASP A 382 4.07 -30.26 11.48
N GLU A 383 3.41 -29.29 12.08
CA GLU A 383 3.03 -28.11 11.33
C GLU A 383 4.10 -27.04 11.29
N VAL A 384 4.26 -26.43 10.12
CA VAL A 384 5.22 -25.37 9.91
C VAL A 384 4.80 -24.18 10.76
N ILE A 385 5.75 -23.54 11.43
CA ILE A 385 5.48 -22.40 12.29
C ILE A 385 5.71 -21.10 11.54
N GLU A 386 4.84 -20.11 11.75
CA GLU A 386 5.01 -18.82 11.12
C GLU A 386 5.70 -17.91 12.12
N VAL A 387 6.88 -17.43 11.77
CA VAL A 387 7.63 -16.57 12.67
C VAL A 387 7.48 -15.11 12.27
N ARG A 388 6.83 -14.33 13.13
CA ARG A 388 6.65 -12.92 12.87
C ARG A 388 7.56 -12.07 13.73
N ASN A 389 8.21 -12.72 14.69
CA ASN A 389 9.16 -12.06 15.60
C ASN A 389 10.43 -12.90 15.68
N PRO A 390 11.57 -12.34 15.23
CA PRO A 390 12.86 -13.05 15.25
C PRO A 390 13.13 -13.78 16.57
N MET A 391 12.72 -13.17 17.67
CA MET A 391 12.91 -13.74 19.00
C MET A 391 12.36 -15.16 19.04
N ASP A 392 11.25 -15.39 18.35
CA ASP A 392 10.62 -16.71 18.33
C ASP A 392 11.30 -17.70 17.38
N PHE A 393 12.21 -17.23 16.55
CA PHE A 393 12.91 -18.14 15.65
C PHE A 393 13.73 -19.06 16.57
N PRO A 394 13.66 -20.39 16.36
CA PRO A 394 14.40 -21.34 17.18
C PRO A 394 15.88 -21.01 17.34
N ASP A 395 16.36 -21.02 18.59
CA ASP A 395 17.77 -20.74 18.90
C ASP A 395 18.61 -21.95 18.54
N ASN A 396 18.00 -23.12 18.61
CA ASN A 396 18.72 -24.36 18.28
C ASN A 396 18.62 -24.63 16.78
N ALA A 397 19.64 -24.22 16.05
CA ALA A 397 19.67 -24.40 14.60
C ALA A 397 19.61 -25.87 14.20
N GLY A 398 20.02 -26.75 15.09
CA GLY A 398 20.00 -28.17 14.77
C GLY A 398 18.60 -28.73 14.65
N LEU A 399 17.65 -28.09 15.31
CA LEU A 399 16.26 -28.54 15.30
C LEU A 399 15.49 -28.12 14.06
N ILE A 400 16.08 -27.24 13.26
CA ILE A 400 15.43 -26.72 12.06
C ILE A 400 15.55 -27.57 10.79
N GLU A 401 14.42 -28.06 10.29
CA GLU A 401 14.44 -28.86 9.06
C GLU A 401 14.60 -27.94 7.85
N TYR A 402 13.97 -26.78 7.91
CA TYR A 402 14.08 -25.82 6.83
C TYR A 402 13.31 -24.56 7.16
N VAL A 403 13.54 -23.52 6.37
CA VAL A 403 12.84 -22.28 6.58
C VAL A 403 12.68 -21.66 5.20
N GLU A 404 11.52 -21.08 4.98
CA GLU A 404 11.20 -20.43 3.72
C GLU A 404 10.91 -18.97 4.04
N GLU A 405 11.07 -18.12 3.04
CA GLU A 405 10.83 -16.69 3.19
C GLU A 405 10.06 -16.21 1.96
N PRO A 406 9.35 -15.08 2.09
CA PRO A 406 8.58 -14.54 0.96
C PRO A 406 9.46 -13.90 -0.09
N PHE A 407 9.11 -14.11 -1.35
CA PHE A 407 9.84 -13.52 -2.46
C PHE A 407 8.88 -12.62 -3.19
N VAL A 408 9.42 -11.63 -3.90
CA VAL A 408 8.61 -10.70 -4.65
C VAL A 408 9.21 -10.50 -6.02
N LEU A 409 8.39 -10.08 -6.96
CA LEU A 409 8.86 -9.77 -8.30
C LEU A 409 8.99 -8.24 -8.29
N VAL A 410 10.21 -7.75 -8.48
CA VAL A 410 10.46 -6.32 -8.50
C VAL A 410 10.65 -5.78 -9.92
N THR A 411 9.89 -4.74 -10.25
CA THR A 411 9.98 -4.08 -11.54
C THR A 411 10.68 -2.75 -11.27
N ILE A 412 11.65 -2.43 -12.12
CA ILE A 412 12.42 -1.22 -11.95
C ILE A 412 12.51 -0.46 -13.27
N ILE A 413 12.33 0.85 -13.21
CA ILE A 413 12.48 1.68 -14.40
C ILE A 413 13.56 2.69 -14.08
N THR A 414 14.57 2.76 -14.95
CA THR A 414 15.71 3.66 -14.76
C THR A 414 16.37 4.15 -16.05
N PRO A 415 17.01 5.33 -15.99
CA PRO A 415 17.71 5.88 -17.16
C PRO A 415 18.84 4.87 -17.39
N LYS A 416 19.20 4.59 -18.64
CA LYS A 416 20.25 3.59 -18.91
C LYS A 416 21.59 3.80 -18.22
N GLU A 417 21.91 5.04 -17.88
CA GLU A 417 23.19 5.34 -17.24
C GLU A 417 23.37 4.65 -15.90
N TYR A 418 22.26 4.35 -15.21
CA TYR A 418 22.36 3.71 -13.89
C TYR A 418 22.07 2.23 -13.86
N VAL A 419 21.71 1.65 -15.00
CA VAL A 419 21.39 0.23 -15.04
C VAL A 419 22.44 -0.64 -14.36
N GLY A 420 23.72 -0.40 -14.68
CA GLY A 420 24.80 -1.17 -14.09
C GLY A 420 24.82 -1.16 -12.57
N PRO A 421 24.81 0.03 -11.94
CA PRO A 421 24.84 0.11 -10.48
C PRO A 421 23.62 -0.56 -9.85
N ILE A 422 22.47 -0.41 -10.51
CA ILE A 422 21.24 -1.00 -10.00
C ILE A 422 21.35 -2.53 -10.07
N ILE A 423 21.78 -3.05 -11.23
CA ILE A 423 21.93 -4.48 -11.38
C ILE A 423 22.81 -5.02 -10.26
N GLN A 424 23.92 -4.34 -10.03
CA GLN A 424 24.84 -4.78 -8.99
C GLN A 424 24.21 -4.73 -7.58
N LEU A 425 23.33 -3.75 -7.37
CA LEU A 425 22.66 -3.61 -6.07
C LEU A 425 21.70 -4.79 -5.92
N CYS A 426 20.93 -5.05 -6.98
CA CYS A 426 19.98 -6.15 -6.94
C CYS A 426 20.63 -7.51 -6.67
N GLN A 427 21.76 -7.81 -7.31
CA GLN A 427 22.35 -9.11 -7.04
C GLN A 427 23.04 -9.14 -5.69
N GLU A 428 23.45 -7.98 -5.19
CA GLU A 428 24.06 -7.95 -3.87
C GLU A 428 22.97 -8.42 -2.92
N LYS A 429 21.74 -8.04 -3.24
CA LYS A 429 20.61 -8.39 -2.40
C LYS A 429 19.87 -9.67 -2.80
N ARG A 430 20.64 -10.62 -3.32
CA ARG A 430 20.14 -11.93 -3.73
C ARG A 430 19.06 -11.91 -4.78
N GLY A 431 19.13 -10.97 -5.71
CA GLY A 431 18.13 -10.87 -6.76
C GLY A 431 18.47 -11.69 -8.00
N ILE A 432 17.45 -12.25 -8.62
CA ILE A 432 17.60 -13.05 -9.85
C ILE A 432 16.96 -12.25 -10.97
N GLN A 433 17.76 -11.79 -11.93
CA GLN A 433 17.18 -11.01 -13.03
C GLN A 433 16.31 -11.95 -13.87
N LYS A 434 15.12 -11.51 -14.23
CA LYS A 434 14.24 -12.33 -15.03
C LYS A 434 13.96 -11.70 -16.39
N ASN A 435 14.20 -10.41 -16.50
CA ASN A 435 13.94 -9.73 -17.76
C ASN A 435 14.56 -8.35 -17.76
N MET A 436 14.83 -7.87 -18.97
CA MET A 436 15.42 -6.55 -19.16
C MET A 436 14.98 -6.00 -20.53
N THR A 437 14.45 -4.78 -20.55
CA THR A 437 14.02 -4.16 -21.80
C THR A 437 14.21 -2.65 -21.78
N TYR A 438 14.21 -2.04 -22.96
CA TYR A 438 14.35 -0.60 -23.10
C TYR A 438 12.99 0.05 -23.40
N LEU A 439 12.57 0.98 -22.55
CA LEU A 439 11.30 1.67 -22.73
C LEU A 439 11.44 2.74 -23.82
N ASP A 440 12.69 3.05 -24.12
CA ASP A 440 13.09 3.99 -25.16
C ASP A 440 14.61 3.89 -25.20
N PRO A 441 15.26 4.62 -26.11
CA PRO A 441 16.72 4.53 -26.20
C PRO A 441 17.51 4.85 -24.92
N ASN A 442 16.89 5.54 -23.96
CA ASN A 442 17.58 5.90 -22.73
C ASN A 442 16.96 5.37 -21.46
N THR A 443 15.94 4.54 -21.59
CA THR A 443 15.25 4.02 -20.41
C THR A 443 15.17 2.52 -20.39
N VAL A 444 15.62 1.95 -19.27
CA VAL A 444 15.64 0.52 -19.10
C VAL A 444 14.60 0.03 -18.12
N TYR A 445 14.04 -1.13 -18.45
CA TYR A 445 13.03 -1.77 -17.63
C TYR A 445 13.67 -3.07 -17.13
N LEU A 446 13.54 -3.34 -15.84
CA LEU A 446 14.09 -4.55 -15.27
C LEU A 446 13.10 -5.27 -14.37
N GLU A 447 13.25 -6.59 -14.31
CA GLU A 447 12.41 -7.44 -13.47
C GLU A 447 13.37 -8.34 -12.71
N TYR A 448 13.19 -8.41 -11.40
CA TYR A 448 14.05 -9.22 -10.53
C TYR A 448 13.20 -9.95 -9.52
N GLU A 449 13.59 -11.17 -9.19
CA GLU A 449 12.91 -11.94 -8.16
C GLU A 449 13.84 -11.73 -6.97
N MET A 450 13.30 -11.19 -5.88
CA MET A 450 14.12 -10.91 -4.71
C MET A 450 13.43 -11.27 -3.41
N PRO A 451 14.23 -11.59 -2.38
CA PRO A 451 13.59 -11.93 -1.11
C PRO A 451 13.06 -10.59 -0.60
N LEU A 452 11.85 -10.57 -0.05
CA LEU A 452 11.30 -9.33 0.50
C LEU A 452 12.18 -8.85 1.67
N SER A 453 12.74 -9.79 2.41
CA SER A 453 13.59 -9.43 3.55
C SER A 453 14.77 -8.55 3.13
N GLU A 454 15.21 -8.67 1.88
CA GLU A 454 16.34 -7.88 1.37
C GLU A 454 15.84 -6.51 0.93
N ILE A 455 14.60 -6.48 0.45
CA ILE A 455 13.98 -5.26 -0.03
C ILE A 455 13.57 -4.29 1.07
N ILE A 456 13.19 -4.81 2.24
CA ILE A 456 12.76 -3.92 3.31
C ILE A 456 13.89 -3.33 4.16
N VAL A 457 15.13 -3.59 3.77
CA VAL A 457 16.27 -3.04 4.50
C VAL A 457 17.18 -2.27 3.53
N ASP A 458 17.23 -0.96 3.71
CA ASP A 458 18.04 -0.05 2.92
C ASP A 458 18.03 -0.15 1.38
N PHE A 459 17.06 -0.84 0.79
CA PHE A 459 17.02 -0.96 -0.66
C PHE A 459 16.50 0.31 -1.31
N HIS A 460 15.43 0.86 -0.74
CA HIS A 460 14.82 2.07 -1.27
C HIS A 460 15.81 3.25 -1.35
N ASP A 461 16.55 3.51 -0.28
CA ASP A 461 17.50 4.61 -0.30
C ASP A 461 18.66 4.35 -1.25
N LYS A 462 19.23 3.16 -1.16
CA LYS A 462 20.34 2.77 -2.03
C LYS A 462 20.01 3.01 -3.49
N ILE A 463 18.84 2.50 -3.91
CA ILE A 463 18.36 2.62 -5.27
C ILE A 463 18.13 4.09 -5.61
N LYS A 464 17.68 4.85 -4.62
CA LYS A 464 17.43 6.27 -4.82
C LYS A 464 18.70 7.08 -4.97
N SER A 465 19.66 6.89 -4.06
CA SER A 465 20.89 7.64 -4.14
C SER A 465 21.67 7.32 -5.42
N ILE A 466 21.75 6.05 -5.79
CA ILE A 466 22.49 5.70 -7.01
C ILE A 466 21.82 6.15 -8.32
N SER A 467 20.56 6.52 -8.27
CA SER A 467 19.90 6.95 -9.50
C SER A 467 19.53 8.42 -9.46
N ARG A 468 20.09 9.13 -8.50
CA ARG A 468 19.81 10.56 -8.35
C ARG A 468 18.31 10.74 -8.12
N GLY A 469 17.66 9.68 -7.66
CA GLY A 469 16.23 9.74 -7.41
C GLY A 469 15.42 9.57 -8.68
N PHE A 470 16.10 9.21 -9.76
CA PHE A 470 15.44 9.02 -11.06
C PHE A 470 14.87 7.63 -11.30
N ALA A 471 15.39 6.63 -10.61
CA ALA A 471 14.89 5.27 -10.80
C ALA A 471 13.71 4.99 -9.89
N SER A 472 12.71 4.29 -10.40
CA SER A 472 11.54 3.93 -9.61
C SER A 472 11.35 2.41 -9.64
N TYR A 473 10.68 1.87 -8.64
CA TYR A 473 10.46 0.44 -8.62
C TYR A 473 9.13 0.09 -7.96
N ASP A 474 8.66 -1.11 -8.24
CA ASP A 474 7.42 -1.63 -7.69
C ASP A 474 7.66 -3.13 -7.57
N TYR A 475 6.82 -3.80 -6.78
CA TYR A 475 6.98 -5.24 -6.63
C TYR A 475 5.68 -5.93 -6.21
N GLU A 476 5.63 -7.25 -6.38
CA GLU A 476 4.45 -8.02 -6.01
C GLU A 476 4.86 -9.37 -5.46
N PHE A 477 4.19 -9.79 -4.40
CA PHE A 477 4.48 -11.06 -3.74
C PHE A 477 4.32 -12.21 -4.74
N ILE A 478 5.30 -13.10 -4.79
CA ILE A 478 5.20 -14.24 -5.67
C ILE A 478 5.28 -15.55 -4.91
N GLY A 479 5.29 -15.48 -3.57
CA GLY A 479 5.32 -16.70 -2.78
C GLY A 479 6.53 -17.02 -1.92
N TYR A 480 6.43 -18.11 -1.18
CA TYR A 480 7.50 -18.55 -0.29
C TYR A 480 8.45 -19.54 -0.95
N ARG A 481 9.73 -19.42 -0.64
CA ARG A 481 10.74 -20.29 -1.19
C ARG A 481 11.69 -20.61 -0.08
N PRO A 482 12.17 -21.86 -0.01
CA PRO A 482 13.12 -22.27 1.04
C PRO A 482 14.47 -21.63 0.79
N SER A 483 15.10 -21.14 1.87
CA SER A 483 16.41 -20.50 1.74
C SER A 483 17.27 -20.85 2.94
N ASP A 484 18.56 -20.61 2.81
CA ASP A 484 19.51 -20.90 3.88
C ASP A 484 19.63 -19.69 4.83
N LEU A 485 18.62 -19.50 5.68
CA LEU A 485 18.60 -18.40 6.64
C LEU A 485 19.01 -18.84 8.05
N ILE A 486 19.52 -17.90 8.81
CA ILE A 486 19.93 -18.18 10.19
C ILE A 486 19.65 -16.98 11.09
N LYS A 487 19.61 -17.24 12.38
CA LYS A 487 19.36 -16.24 13.39
C LYS A 487 20.65 -15.70 13.96
N LEU A 488 20.78 -14.38 14.00
CA LEU A 488 21.97 -13.77 14.59
C LEU A 488 21.48 -13.06 15.83
N THR A 489 22.25 -13.15 16.91
CA THR A 489 21.86 -12.49 18.13
C THR A 489 22.85 -11.39 18.45
N VAL A 490 22.36 -10.34 19.11
CA VAL A 490 23.22 -9.23 19.49
C VAL A 490 23.46 -9.26 20.99
N LEU A 491 24.73 -9.11 21.37
CA LEU A 491 25.12 -9.11 22.77
C LEU A 491 25.72 -7.76 23.15
N ILE A 492 25.23 -7.19 24.24
CA ILE A 492 25.74 -5.92 24.73
C ILE A 492 26.34 -6.19 26.11
N ASN A 493 27.66 -6.29 26.13
CA ASN A 493 28.39 -6.59 27.35
C ASN A 493 28.02 -8.02 27.77
N LYS A 494 28.18 -8.95 26.84
CA LYS A 494 27.91 -10.35 27.07
C LYS A 494 26.44 -10.65 27.39
N LYS A 495 25.58 -9.64 27.27
CA LYS A 495 24.16 -9.84 27.54
C LYS A 495 23.32 -9.61 26.29
N PRO A 496 22.71 -10.68 25.76
CA PRO A 496 21.87 -10.66 24.56
C PRO A 496 20.56 -9.91 24.69
N VAL A 497 20.26 -9.09 23.69
CA VAL A 497 19.01 -8.34 23.68
C VAL A 497 18.20 -8.92 22.51
N ASP A 498 17.26 -9.79 22.88
CA ASP A 498 16.42 -10.49 21.92
C ASP A 498 15.79 -9.60 20.86
N ALA A 499 15.43 -8.38 21.27
CA ALA A 499 14.82 -7.44 20.37
C ALA A 499 15.74 -7.08 19.21
N LEU A 500 17.02 -7.42 19.33
CA LEU A 500 17.99 -7.13 18.29
C LEU A 500 18.37 -8.34 17.45
N SER A 501 17.93 -9.52 17.85
CA SER A 501 18.25 -10.70 17.06
C SER A 501 17.54 -10.56 15.72
N PHE A 502 18.14 -11.09 14.66
CA PHE A 502 17.52 -11.01 13.34
C PHE A 502 17.86 -12.21 12.48
N ILE A 503 17.09 -12.39 11.41
CA ILE A 503 17.26 -13.53 10.50
C ILE A 503 17.91 -13.03 9.22
N VAL A 504 18.93 -13.73 8.76
CA VAL A 504 19.68 -13.32 7.59
C VAL A 504 20.11 -14.54 6.75
N HIS A 505 20.42 -14.33 5.49
CA HIS A 505 20.88 -15.46 4.70
C HIS A 505 22.29 -15.78 5.19
N ALA A 506 22.62 -17.06 5.27
CA ALA A 506 23.93 -17.49 5.74
C ALA A 506 25.06 -16.77 5.03
N ASP A 507 24.91 -16.55 3.72
CA ASP A 507 25.96 -15.90 2.94
C ASP A 507 26.08 -14.40 3.22
N ARG A 508 25.04 -13.78 3.76
CA ARG A 508 25.11 -12.35 4.03
C ARG A 508 25.36 -12.03 5.50
N ALA A 509 25.35 -13.07 6.34
CA ALA A 509 25.53 -12.94 7.78
C ALA A 509 26.69 -12.06 8.23
N GLN A 510 27.90 -12.38 7.75
CA GLN A 510 29.10 -11.64 8.14
C GLN A 510 28.94 -10.15 7.91
N LYS A 511 28.47 -9.78 6.72
CA LYS A 511 28.27 -8.38 6.39
C LYS A 511 27.22 -7.74 7.28
N PHE A 512 26.06 -8.38 7.40
CA PHE A 512 25.02 -7.81 8.25
C PHE A 512 25.52 -7.66 9.68
N ALA A 513 26.28 -8.65 10.13
CA ALA A 513 26.84 -8.64 11.48
C ALA A 513 27.68 -7.37 11.65
N ARG A 514 28.60 -7.15 10.72
CA ARG A 514 29.45 -5.97 10.77
C ARG A 514 28.62 -4.69 10.73
N ARG A 515 27.73 -4.58 9.75
CA ARG A 515 26.89 -3.40 9.64
C ARG A 515 26.20 -3.09 10.97
N VAL A 516 25.43 -4.05 11.46
CA VAL A 516 24.69 -3.90 12.72
C VAL A 516 25.57 -3.54 13.92
N ALA A 517 26.74 -4.19 14.03
CA ALA A 517 27.65 -3.91 15.13
C ALA A 517 28.12 -2.46 15.07
N GLU A 518 28.66 -2.08 13.93
CA GLU A 518 29.16 -0.73 13.70
C GLU A 518 28.08 0.33 13.76
N LYS A 519 26.85 -0.08 13.47
CA LYS A 519 25.72 0.84 13.50
C LYS A 519 25.28 1.06 14.93
N LEU A 520 25.25 -0.03 15.70
CA LEU A 520 24.81 0.02 17.08
C LEU A 520 25.74 0.83 18.00
N ARG A 521 27.04 0.75 17.76
CA ARG A 521 28.00 1.48 18.57
C ARG A 521 27.69 2.96 18.54
N GLU A 522 27.34 3.47 17.36
CA GLU A 522 27.02 4.87 17.18
C GLU A 522 25.55 5.14 17.48
N THR A 523 24.85 4.11 17.91
CA THR A 523 23.43 4.22 18.24
C THR A 523 23.30 4.30 19.77
N ILE A 524 24.37 3.91 20.45
CA ILE A 524 24.37 3.93 21.90
C ILE A 524 25.42 4.92 22.42
N PRO A 525 24.98 5.87 23.28
CA PRO A 525 25.83 6.89 23.87
C PRO A 525 26.83 6.31 24.87
N ARG A 526 27.86 7.07 25.21
CA ARG A 526 28.87 6.60 26.14
C ARG A 526 28.41 6.52 27.59
N GLN A 527 29.25 5.91 28.42
CA GLN A 527 28.98 5.74 29.86
C GLN A 527 30.28 5.32 30.54
N LEU A 528 30.36 5.46 31.86
CA LEU A 528 31.56 5.08 32.59
C LEU A 528 32.16 3.74 32.19
N PHE A 529 31.30 2.79 31.81
CA PHE A 529 31.80 1.48 31.41
C PHE A 529 31.90 1.30 29.90
N GLU A 530 32.87 0.49 29.47
CA GLU A 530 33.07 0.21 28.04
C GLU A 530 31.89 -0.63 27.59
N VAL A 531 31.31 -0.29 26.44
CA VAL A 531 30.20 -1.06 25.91
C VAL A 531 30.67 -1.94 24.77
N HIS A 532 30.71 -3.24 25.03
CA HIS A 532 31.15 -4.22 24.05
C HIS A 532 29.92 -4.77 23.33
N ILE A 533 29.91 -4.62 22.01
CA ILE A 533 28.81 -5.10 21.18
C ILE A 533 29.29 -6.32 20.42
N GLN A 534 28.52 -7.40 20.47
CA GLN A 534 28.88 -8.62 19.75
C GLN A 534 27.69 -9.17 18.98
N VAL A 535 27.97 -9.61 17.76
CA VAL A 535 26.94 -10.21 16.93
C VAL A 535 27.35 -11.66 16.86
N ALA A 536 26.51 -12.55 17.39
CA ALA A 536 26.85 -13.96 17.39
C ALA A 536 25.96 -14.84 16.53
N LYS A 537 26.57 -15.93 16.07
CA LYS A 537 25.90 -16.93 15.25
C LYS A 537 25.97 -18.25 16.01
N GLY A 538 24.88 -18.61 16.68
CA GLY A 538 24.83 -19.84 17.44
C GLY A 538 25.99 -19.94 18.41
N GLY A 539 26.05 -19.01 19.35
CA GLY A 539 27.14 -19.02 20.32
C GLY A 539 28.46 -18.49 19.79
N LYS A 540 28.61 -18.42 18.48
CA LYS A 540 29.86 -17.92 17.89
C LYS A 540 29.81 -16.43 17.53
N VAL A 541 30.72 -15.65 18.11
CA VAL A 541 30.78 -14.22 17.83
C VAL A 541 31.43 -14.03 16.46
N ILE A 542 30.75 -13.34 15.54
CA ILE A 542 31.29 -13.11 14.20
C ILE A 542 31.48 -11.63 13.89
N ALA A 543 31.27 -10.80 14.90
CA ALA A 543 31.43 -9.35 14.76
C ALA A 543 31.45 -8.73 16.15
N SER A 544 32.46 -7.91 16.39
CA SER A 544 32.63 -7.25 17.68
C SER A 544 32.85 -5.76 17.46
N GLU A 545 32.41 -4.96 18.41
CA GLU A 545 32.55 -3.52 18.33
C GLU A 545 32.48 -2.99 19.75
N ARG A 546 33.40 -2.11 20.11
CA ARG A 546 33.40 -1.55 21.46
C ARG A 546 33.59 -0.04 21.52
N ILE A 547 32.75 0.60 22.29
CA ILE A 547 32.79 2.05 22.48
C ILE A 547 33.36 2.33 23.87
N LYS A 548 34.59 2.83 23.91
CA LYS A 548 35.27 3.13 25.16
C LYS A 548 34.43 3.92 26.17
N PRO A 549 34.75 3.76 27.46
CA PRO A 549 34.07 4.42 28.58
C PRO A 549 33.79 5.90 28.37
N LEU A 550 32.93 6.46 29.23
CA LEU A 550 32.56 7.86 29.14
C LEU A 550 33.77 8.77 29.38
N ARG A 551 34.47 9.09 28.29
CA ARG A 551 35.63 9.96 28.31
C ARG A 551 36.64 9.71 29.45
MG MG B . -1.54 13.01 -4.11
PB GDP C . 0.53 13.26 -6.59
O1B GDP C . 1.74 12.90 -5.82
O2B GDP C . 0.20 12.63 -8.03
O3B GDP C . -0.79 13.88 -5.88
O3A GDP C . 1.02 14.67 -7.21
PA GDP C . 0.39 16.07 -6.73
O1A GDP C . -0.96 16.31 -7.29
O2A GDP C . 0.39 16.03 -5.12
O5' GDP C . 1.45 17.21 -7.15
C5' GDP C . 2.78 17.18 -6.63
C4' GDP C . 3.60 18.40 -7.08
O4' GDP C . 3.49 18.50 -8.51
C3' GDP C . 2.95 19.66 -6.52
O3' GDP C . 3.91 20.72 -6.51
C2' GDP C . 1.89 19.93 -7.60
O2' GDP C . 1.48 21.30 -7.53
C1' GDP C . 2.80 19.72 -8.80
N9 GDP C . 2.03 19.63 -10.07
C8 GDP C . 0.95 18.87 -10.27
N7 GDP C . 0.52 19.03 -11.52
C5 GDP C . 1.33 19.90 -12.12
C6 GDP C . 1.37 20.43 -13.40
O6 GDP C . 0.54 20.10 -14.24
N1 GDP C . 2.39 21.35 -13.72
C2 GDP C . 3.32 21.70 -12.73
N2 GDP C . 4.27 22.59 -13.01
N3 GDP C . 3.25 21.17 -11.52
C4 GDP C . 2.30 20.28 -11.19
#